data_2RDN
#
_entry.id   2RDN
#
_cell.length_a   43.499
_cell.length_b   70.106
_cell.length_c   48.725
_cell.angle_alpha   90.000
_cell.angle_beta   92.490
_cell.angle_gamma   90.000
#
_symmetry.space_group_name_H-M   'P 1 21 1'
#
loop_
_entity.id
_entity.type
_entity.pdbx_description
1 polymer '1-deoxypentalenic acid 11-beta hydroxylase; Fe(II)/alpha-ketoglutarate dependent hydroxylase'
2 non-polymer 'FE (III) ION'
3 non-polymer 'MAGNESIUM ION'
4 non-polymer '2-OXOGLUTARIC ACID'
5 non-polymer '(1S,3aS,5aR,8aS)-1,7,7-trimethyl-1,2,3,3a,5a,6,7,8-octahydrocyclopenta[c]pentalene-4-carboxylic acid'
6 water water
#
_entity_poly.entity_id   1
_entity_poly.type   'polypeptide(L)'
_entity_poly.pdbx_seq_one_letter_code
;GSHMTNVTGDYTDCTPLLGDRAALDSFYEEHGYLFLRNVLDRDLVKTVAEQMREGLVALGAADPHATLEELTIDSFESVD
EVAMHDYVKYDAFWNNPSTIKVFEQVFGEPVFVFLSTTIRYYPSQAGSEEPSFHYLTPFHQDGFYIGPNQDFRTFWIPLI
RTTRESGGVALADGSHRRGKRDHVLNESFRRFGHPVRGIPPTEVSEDEHLLHSPMEPGDILLFHAHMCHKSIPNLSKDPR
LMRMSMDTRVQPAKSHRGFNAMTPWTESAKDASKGIMAKITGTPTDVE
;
_entity_poly.pdbx_strand_id   A
#
# COMPACT_ATOMS: atom_id res chain seq x y z
N THR A 5 -13.81 -15.37 2.28
CA THR A 5 -12.64 -14.52 2.64
C THR A 5 -12.28 -14.69 4.11
N ASN A 6 -11.00 -14.48 4.44
CA ASN A 6 -10.56 -14.47 5.83
C ASN A 6 -10.80 -13.10 6.50
N VAL A 7 -11.17 -12.10 5.71
CA VAL A 7 -11.53 -10.78 6.24
C VAL A 7 -12.78 -10.91 7.12
N THR A 8 -12.70 -10.42 8.35
CA THR A 8 -13.83 -10.51 9.28
C THR A 8 -14.38 -9.15 9.71
N GLY A 9 -13.74 -8.06 9.29
CA GLY A 9 -14.16 -6.74 9.73
C GLY A 9 -13.77 -5.58 8.85
N ASP A 10 -14.30 -4.42 9.20
CA ASP A 10 -14.05 -3.16 8.51
C ASP A 10 -13.02 -2.36 9.28
N TYR A 11 -12.34 -1.45 8.57
CA TYR A 11 -11.53 -0.45 9.26
C TYR A 11 -12.48 0.47 10.05
N THR A 12 -12.03 0.89 11.23
CA THR A 12 -12.74 1.94 11.97
C THR A 12 -12.39 3.29 11.35
N ASP A 13 -13.41 4.12 11.13
CA ASP A 13 -13.21 5.50 10.68
C ASP A 13 -12.60 6.32 11.82
N CYS A 14 -11.33 6.67 11.68
CA CYS A 14 -10.59 7.38 12.71
C CYS A 14 -10.56 8.89 12.50
N THR A 15 -11.22 9.38 11.45
CA THR A 15 -11.18 10.80 11.12
C THR A 15 -11.54 11.71 12.31
N PRO A 16 -12.63 11.41 13.05
CA PRO A 16 -12.96 12.33 14.15
C PRO A 16 -12.00 12.27 15.35
N LEU A 17 -11.04 11.36 15.32
CA LEU A 17 -10.01 11.29 16.37
C LEU A 17 -8.88 12.28 16.11
N LEU A 18 -8.82 12.84 14.91
CA LEU A 18 -7.77 13.82 14.56
C LEU A 18 -7.77 15.05 15.48
N GLY A 19 -8.95 15.42 15.98
CA GLY A 19 -9.10 16.59 16.85
C GLY A 19 -8.72 16.34 18.29
N ASP A 20 -8.35 15.09 18.60
CA ASP A 20 -8.05 14.69 19.98
C ASP A 20 -6.77 13.83 19.97
N ARG A 21 -5.65 14.48 20.21
CA ARG A 21 -4.32 13.86 20.21
C ARG A 21 -4.26 12.57 21.04
N ALA A 22 -4.75 12.64 22.27
CA ALA A 22 -4.75 11.49 23.19
C ALA A 22 -5.54 10.30 22.65
N ALA A 23 -6.74 10.56 22.12
CA ALA A 23 -7.58 9.51 21.58
C ALA A 23 -7.01 8.93 20.27
N LEU A 24 -6.45 9.80 19.44
CA LEU A 24 -5.79 9.37 18.20
C LEU A 24 -4.62 8.42 18.51
N ASP A 25 -3.74 8.85 19.41
CA ASP A 25 -2.58 8.04 19.79
C ASP A 25 -3.01 6.73 20.48
N SER A 26 -4.03 6.81 21.32
CA SER A 26 -4.55 5.63 21.99
C SER A 26 -5.07 4.57 21.00
N PHE A 27 -5.85 5.01 20.02
CA PHE A 27 -6.34 4.08 19.00
C PHE A 27 -5.18 3.46 18.24
N TYR A 28 -4.26 4.30 17.79
CA TYR A 28 -3.10 3.83 17.04
C TYR A 28 -2.27 2.85 17.87
N GLU A 29 -2.08 3.13 19.15
CA GLU A 29 -1.32 2.24 20.01
C GLU A 29 -1.96 0.86 20.17
N GLU A 30 -3.28 0.82 20.33
CA GLU A 30 -3.98 -0.45 20.49
C GLU A 30 -4.10 -1.23 19.19
N HIS A 31 -4.39 -0.51 18.10
CA HIS A 31 -4.79 -1.15 16.85
C HIS A 31 -3.71 -1.21 15.79
N GLY A 32 -2.79 -0.24 15.78
CA GLY A 32 -1.67 -0.27 14.86
C GLY A 32 -1.94 0.35 13.50
N TYR A 33 -3.10 0.98 13.37
CA TYR A 33 -3.45 1.66 12.13
C TYR A 33 -4.36 2.85 12.42
N LEU A 34 -4.49 3.72 11.42
CA LEU A 34 -5.53 4.75 11.36
C LEU A 34 -6.11 4.73 9.95
N PHE A 35 -7.44 4.84 9.86
CA PHE A 35 -8.14 4.98 8.61
C PHE A 35 -8.79 6.36 8.63
N LEU A 36 -8.44 7.19 7.64
CA LEU A 36 -8.87 8.59 7.60
C LEU A 36 -9.61 8.85 6.30
N ARG A 37 -10.82 9.37 6.41
CA ARG A 37 -11.71 9.53 5.26
C ARG A 37 -11.67 10.94 4.68
N ASN A 38 -11.42 11.05 3.38
CA ASN A 38 -11.44 12.32 2.64
C ASN A 38 -10.58 13.42 3.26
N VAL A 39 -9.39 13.04 3.73
CA VAL A 39 -8.48 14.01 4.33
C VAL A 39 -7.50 14.61 3.32
N LEU A 40 -7.22 13.88 2.25
CA LEU A 40 -6.39 14.39 1.17
C LEU A 40 -7.25 15.17 0.17
N ASP A 41 -6.60 16.00 -0.63
CA ASP A 41 -7.28 16.75 -1.68
C ASP A 41 -7.66 15.78 -2.81
N ARG A 42 -8.95 15.51 -2.97
CA ARG A 42 -9.43 14.52 -3.93
C ARG A 42 -9.12 14.92 -5.38
N ASP A 43 -9.07 16.22 -5.64
CA ASP A 43 -8.72 16.72 -6.97
C ASP A 43 -7.25 16.42 -7.27
N LEU A 44 -6.38 16.61 -6.28
CA LEU A 44 -4.97 16.26 -6.38
C LEU A 44 -4.80 14.75 -6.60
N VAL A 45 -5.55 13.95 -5.86
CA VAL A 45 -5.49 12.49 -6.03
C VAL A 45 -5.89 12.11 -7.46
N LYS A 46 -6.95 12.74 -7.97
CA LYS A 46 -7.39 12.48 -9.35
C LYS A 46 -6.30 12.74 -10.38
N THR A 47 -5.52 13.81 -10.18
CA THR A 47 -4.44 14.11 -11.11
C THR A 47 -3.38 13.01 -11.14
N VAL A 48 -3.09 12.42 -9.98
CA VAL A 48 -2.16 11.29 -9.92
C VAL A 48 -2.76 10.05 -10.58
N ALA A 49 -4.05 9.79 -10.35
CA ALA A 49 -4.74 8.70 -11.04
C ALA A 49 -4.64 8.87 -12.56
N GLU A 50 -4.81 10.12 -13.01
N GLU A 50 -4.77 10.12 -13.02
CA GLU A 50 -4.71 10.45 -14.44
CA GLU A 50 -4.72 10.39 -14.46
C GLU A 50 -3.30 10.20 -14.97
C GLU A 50 -3.30 10.31 -15.03
N GLN A 51 -2.29 10.54 -14.19
CA GLN A 51 -0.90 10.27 -14.56
C GLN A 51 -0.68 8.77 -14.72
N MET A 52 -1.18 7.98 -13.78
CA MET A 52 -1.08 6.52 -13.87
C MET A 52 -1.82 6.01 -15.12
N ARG A 53 -3.01 6.53 -15.34
CA ARG A 53 -3.80 6.15 -16.51
C ARG A 53 -3.04 6.42 -17.81
N GLU A 54 -2.43 7.59 -17.91
CA GLU A 54 -1.70 7.91 -19.14
C GLU A 54 -0.49 7.01 -19.32
N GLY A 55 0.17 6.66 -18.21
CA GLY A 55 1.24 5.67 -18.26
C GLY A 55 0.75 4.33 -18.77
N LEU A 56 -0.43 3.91 -18.32
CA LEU A 56 -1.01 2.64 -18.78
C LEU A 56 -1.44 2.66 -20.25
N VAL A 57 -1.84 3.83 -20.73
CA VAL A 57 -2.15 3.98 -22.15
C VAL A 57 -0.86 3.83 -22.95
N ALA A 58 0.20 4.46 -22.48
CA ALA A 58 1.50 4.38 -23.16
C ALA A 58 2.18 3.00 -23.06
N LEU A 59 2.01 2.32 -21.93
CA LEU A 59 2.83 1.13 -21.64
C LEU A 59 2.06 -0.18 -21.45
N GLY A 60 0.75 -0.09 -21.22
CA GLY A 60 -0.05 -1.27 -20.89
C GLY A 60 -1.16 -1.55 -21.88
N ALA A 61 -1.15 -0.83 -23.00
CA ALA A 61 -2.16 -0.98 -24.05
C ALA A 61 -3.58 -0.72 -23.56
N ALA A 62 -3.70 0.11 -22.52
CA ALA A 62 -5.01 0.54 -22.03
C ALA A 62 -5.74 1.36 -23.09
N ASP A 63 -7.07 1.25 -23.08
CA ASP A 63 -7.96 1.97 -23.98
C ASP A 63 -7.73 3.48 -23.80
N PRO A 64 -7.28 4.19 -24.86
CA PRO A 64 -7.03 5.62 -24.70
C PRO A 64 -8.28 6.46 -24.47
N HIS A 65 -9.47 5.86 -24.62
CA HIS A 65 -10.72 6.59 -24.43
C HIS A 65 -11.53 6.13 -23.23
N ALA A 66 -11.01 5.16 -22.50
CA ALA A 66 -11.68 4.66 -21.29
C ALA A 66 -11.58 5.67 -20.15
N THR A 67 -12.67 5.81 -19.40
CA THR A 67 -12.60 6.53 -18.12
C THR A 67 -11.77 5.71 -17.13
N LEU A 68 -11.42 6.33 -16.00
CA LEU A 68 -10.65 5.65 -14.95
C LEU A 68 -11.30 4.35 -14.51
N GLU A 69 -12.61 4.36 -14.33
CA GLU A 69 -13.29 3.15 -13.88
C GLU A 69 -13.55 2.13 -14.99
N GLU A 70 -13.48 2.56 -16.25
CA GLU A 70 -13.56 1.65 -17.41
C GLU A 70 -12.21 1.02 -17.73
N LEU A 71 -11.14 1.63 -17.25
CA LEU A 71 -9.79 1.21 -17.62
C LEU A 71 -9.50 -0.23 -17.20
N THR A 72 -8.77 -0.94 -18.06
CA THR A 72 -8.18 -2.22 -17.73
C THR A 72 -6.90 -2.41 -18.51
N ILE A 73 -6.11 -3.41 -18.13
CA ILE A 73 -4.92 -3.84 -18.87
C ILE A 73 -4.94 -5.36 -18.93
N ASP A 74 -4.30 -5.93 -19.96
CA ASP A 74 -4.26 -7.38 -20.10
C ASP A 74 -3.43 -8.04 -18.99
N SER A 75 -2.37 -7.37 -18.57
CA SER A 75 -1.39 -7.95 -17.65
C SER A 75 -0.61 -6.87 -16.92
N PHE A 76 -0.54 -6.97 -15.60
CA PHE A 76 0.36 -6.12 -14.81
C PHE A 76 1.81 -6.31 -15.27
N GLU A 77 2.19 -7.56 -15.52
CA GLU A 77 3.57 -7.93 -15.88
C GLU A 77 4.04 -7.39 -17.23
N SER A 78 3.11 -7.11 -18.14
CA SER A 78 3.48 -6.61 -19.46
C SER A 78 3.89 -5.14 -19.43
N VAL A 79 3.62 -4.47 -18.31
CA VAL A 79 3.90 -3.05 -18.16
C VAL A 79 5.29 -2.84 -17.58
N ASP A 80 6.05 -1.97 -18.23
CA ASP A 80 7.38 -1.57 -17.75
C ASP A 80 7.23 -0.71 -16.49
N GLU A 81 7.48 -1.32 -15.34
CA GLU A 81 7.27 -0.68 -14.04
C GLU A 81 8.25 0.48 -13.81
N VAL A 82 9.47 0.35 -14.32
CA VAL A 82 10.45 1.41 -14.22
C VAL A 82 9.96 2.65 -14.97
N ALA A 83 9.42 2.44 -16.18
CA ALA A 83 8.87 3.53 -16.96
C ALA A 83 7.63 4.15 -16.29
N MET A 84 6.83 3.32 -15.61
CA MET A 84 5.66 3.86 -14.89
C MET A 84 6.08 4.86 -13.82
N HIS A 85 7.26 4.65 -13.22
CA HIS A 85 7.80 5.60 -12.24
C HIS A 85 8.18 6.96 -12.79
N ASP A 86 8.24 7.10 -14.12
CA ASP A 86 8.42 8.42 -14.74
C ASP A 86 7.08 9.12 -14.92
N TYR A 87 6.01 8.34 -15.00
CA TYR A 87 4.68 8.89 -15.24
C TYR A 87 4.00 9.36 -13.97
N VAL A 88 4.10 8.56 -12.92
CA VAL A 88 3.38 8.86 -11.69
C VAL A 88 4.22 9.78 -10.81
N LYS A 89 3.76 11.01 -10.65
CA LYS A 89 4.56 12.04 -9.96
C LYS A 89 4.22 12.03 -8.48
N TYR A 90 4.60 10.94 -7.82
CA TYR A 90 4.24 10.75 -6.42
C TYR A 90 4.94 11.70 -5.44
N ASP A 91 6.22 12.03 -5.67
CA ASP A 91 6.91 12.91 -4.73
C ASP A 91 6.25 14.28 -4.67
N ALA A 92 5.82 14.79 -5.83
CA ALA A 92 5.14 16.07 -5.87
C ALA A 92 3.83 16.02 -5.11
N PHE A 93 3.17 14.85 -5.14
CA PHE A 93 1.93 14.66 -4.42
C PHE A 93 2.16 14.60 -2.92
N TRP A 94 3.09 13.74 -2.47
CA TRP A 94 3.32 13.57 -1.03
C TRP A 94 3.78 14.85 -0.36
N ASN A 95 4.53 15.65 -1.11
CA ASN A 95 5.13 16.86 -0.53
C ASN A 95 4.32 18.13 -0.80
N ASN A 96 3.14 17.96 -1.39
CA ASN A 96 2.17 19.05 -1.48
C ASN A 96 1.80 19.49 -0.06
N PRO A 97 1.80 20.81 0.21
CA PRO A 97 1.49 21.29 1.56
C PRO A 97 0.21 20.70 2.16
N SER A 98 -0.82 20.46 1.35
CA SER A 98 -2.06 19.87 1.87
C SER A 98 -1.84 18.44 2.37
N THR A 99 -1.02 17.67 1.65
CA THR A 99 -0.68 16.31 2.05
C THR A 99 0.20 16.33 3.31
N ILE A 100 1.24 17.15 3.29
CA ILE A 100 2.13 17.30 4.45
C ILE A 100 1.38 17.66 5.72
N LYS A 101 0.41 18.57 5.60
CA LYS A 101 -0.40 18.97 6.76
C LYS A 101 -1.07 17.77 7.42
N VAL A 102 -1.57 16.84 6.60
CA VAL A 102 -2.20 15.64 7.13
C VAL A 102 -1.17 14.76 7.84
N PHE A 103 -0.02 14.54 7.20
CA PHE A 103 1.04 13.75 7.80
C PHE A 103 1.49 14.33 9.15
N GLU A 104 1.65 15.64 9.19
CA GLU A 104 2.08 16.32 10.41
C GLU A 104 1.05 16.19 11.53
N GLN A 105 -0.23 16.20 11.18
CA GLN A 105 -1.29 16.01 12.18
C GLN A 105 -1.24 14.61 12.78
N VAL A 106 -0.99 13.61 11.93
CA VAL A 106 -0.88 12.23 12.38
C VAL A 106 0.31 12.05 13.35
N PHE A 107 1.49 12.53 12.95
CA PHE A 107 2.70 12.34 13.76
C PHE A 107 2.82 13.32 14.94
N GLY A 108 2.19 14.48 14.82
CA GLY A 108 2.29 15.51 15.87
C GLY A 108 3.62 16.24 15.85
N GLU A 109 4.34 16.11 14.74
CA GLU A 109 5.64 16.76 14.56
C GLU A 109 5.99 16.77 13.07
N PRO A 110 6.99 17.58 12.66
CA PRO A 110 7.44 17.57 11.27
C PRO A 110 7.88 16.18 10.82
N VAL A 111 7.68 15.91 9.52
CA VAL A 111 7.89 14.57 8.97
C VAL A 111 8.90 14.56 7.82
N PHE A 112 9.41 13.37 7.52
CA PHE A 112 10.18 13.12 6.32
C PHE A 112 9.46 12.02 5.55
N VAL A 113 9.22 12.26 4.27
CA VAL A 113 8.58 11.29 3.39
C VAL A 113 9.66 10.51 2.67
N PHE A 114 9.56 9.17 2.70
CA PHE A 114 10.49 8.32 1.97
C PHE A 114 10.60 8.72 0.50
N LEU A 115 11.80 8.55 -0.06
CA LEU A 115 12.03 8.82 -1.48
C LEU A 115 11.64 7.62 -2.35
N SER A 116 11.25 6.53 -1.68
CA SER A 116 10.68 5.37 -2.33
C SER A 116 9.16 5.34 -2.16
N THR A 117 8.47 5.05 -3.27
CA THR A 117 7.02 4.83 -3.31
C THR A 117 6.78 3.61 -4.20
N THR A 118 5.88 2.75 -3.78
CA THR A 118 5.44 1.63 -4.62
C THR A 118 4.11 1.98 -5.28
N ILE A 119 4.03 1.80 -6.59
CA ILE A 119 2.80 2.07 -7.33
C ILE A 119 2.19 0.77 -7.80
N ARG A 120 0.87 0.68 -7.70
CA ARG A 120 0.16 -0.58 -7.93
C ARG A 120 -1.02 -0.36 -8.87
N TYR A 121 -1.08 -1.16 -9.93
CA TYR A 121 -2.07 -1.02 -11.01
C TYR A 121 -2.50 -2.43 -11.42
N TYR A 122 -3.45 -2.98 -10.67
CA TYR A 122 -3.73 -4.41 -10.72
C TYR A 122 -5.09 -4.65 -11.35
N PRO A 123 -5.13 -5.31 -12.51
CA PRO A 123 -6.41 -5.53 -13.18
C PRO A 123 -7.21 -6.65 -12.53
N SER A 124 -8.53 -6.64 -12.74
CA SER A 124 -9.34 -7.76 -12.28
C SER A 124 -8.97 -9.03 -13.01
N GLN A 125 -8.94 -10.14 -12.28
CA GLN A 125 -8.76 -11.44 -12.90
C GLN A 125 -9.90 -12.39 -12.57
N ALA A 126 -11.06 -11.82 -12.29
CA ALA A 126 -12.27 -12.62 -12.08
C ALA A 126 -12.49 -13.52 -13.30
N GLY A 127 -12.69 -14.81 -13.05
CA GLY A 127 -12.91 -15.77 -14.12
C GLY A 127 -11.69 -16.51 -14.64
N SER A 128 -10.49 -15.99 -14.38
N SER A 128 -10.50 -15.99 -14.38
CA SER A 128 -9.25 -16.62 -14.84
CA SER A 128 -9.25 -16.63 -14.84
C SER A 128 -8.96 -17.92 -14.09
C SER A 128 -8.97 -17.93 -14.09
N GLU A 129 -8.77 -19.00 -14.83
CA GLU A 129 -8.45 -20.31 -14.24
C GLU A 129 -7.05 -20.39 -13.69
N GLU A 130 -6.13 -19.59 -14.26
CA GLU A 130 -4.75 -19.54 -13.81
C GLU A 130 -4.38 -18.07 -13.60
N PRO A 131 -4.96 -17.45 -12.55
CA PRO A 131 -4.72 -16.03 -12.35
C PRO A 131 -3.28 -15.76 -11.96
N SER A 132 -2.77 -14.60 -12.34
CA SER A 132 -1.42 -14.19 -11.97
C SER A 132 -1.52 -13.25 -10.79
N PHE A 133 -1.33 -13.78 -9.59
CA PHE A 133 -1.36 -12.97 -8.37
C PHE A 133 -0.03 -13.04 -7.64
N HIS A 134 1.01 -13.52 -8.31
CA HIS A 134 2.33 -13.68 -7.67
C HIS A 134 3.00 -12.35 -7.41
N TYR A 135 2.53 -11.29 -8.05
CA TYR A 135 3.08 -9.95 -7.85
C TYR A 135 2.45 -9.19 -6.67
N LEU A 136 1.51 -9.84 -6.00
CA LEU A 136 0.93 -9.29 -4.77
C LEU A 136 1.87 -9.55 -3.58
N THR A 137 1.40 -9.24 -2.37
CA THR A 137 2.20 -9.45 -1.16
C THR A 137 1.55 -10.48 -0.26
N PRO A 138 2.38 -11.32 0.39
CA PRO A 138 1.87 -12.24 1.41
C PRO A 138 1.68 -11.45 2.70
N PHE A 139 1.21 -12.09 3.77
CA PHE A 139 1.29 -11.46 5.09
C PHE A 139 2.74 -11.06 5.35
N HIS A 140 2.95 -9.82 5.78
CA HIS A 140 4.28 -9.37 6.11
C HIS A 140 4.18 -8.13 6.97
N GLN A 141 5.33 -7.71 7.48
CA GLN A 141 5.48 -6.45 8.19
C GLN A 141 6.49 -5.62 7.43
N ASP A 142 6.17 -4.36 7.21
CA ASP A 142 7.12 -3.52 6.50
C ASP A 142 8.46 -3.37 7.27
N GLY A 143 8.41 -3.39 8.59
CA GLY A 143 9.63 -3.35 9.41
C GLY A 143 10.56 -4.54 9.21
N PHE A 144 10.06 -5.63 8.65
CA PHE A 144 10.92 -6.75 8.28
C PHE A 144 11.99 -6.33 7.29
N TYR A 145 11.63 -5.47 6.34
CA TYR A 145 12.58 -5.08 5.28
C TYR A 145 13.03 -3.62 5.30
N ILE A 146 12.35 -2.78 6.07
CA ILE A 146 12.69 -1.36 6.18
C ILE A 146 13.27 -1.09 7.56
N GLY A 147 14.37 -0.35 7.60
CA GLY A 147 14.98 -0.01 8.88
C GLY A 147 16.22 0.81 8.67
N PRO A 148 17.07 0.91 9.69
CA PRO A 148 16.99 0.20 10.97
C PRO A 148 15.92 0.71 11.92
N ASN A 149 15.56 1.99 11.84
CA ASN A 149 14.52 2.53 12.71
C ASN A 149 13.17 1.90 12.40
N GLN A 150 12.33 1.80 13.43
CA GLN A 150 11.05 1.12 13.31
C GLN A 150 9.88 2.05 13.64
N ASP A 151 10.14 3.36 13.60
CA ASP A 151 9.14 4.38 13.90
C ASP A 151 8.55 5.07 12.66
N PHE A 152 8.88 4.57 11.47
CA PHE A 152 8.16 5.00 10.28
C PHE A 152 6.77 4.38 10.29
N ARG A 153 5.87 4.93 9.48
CA ARG A 153 4.55 4.34 9.26
C ARG A 153 4.30 4.27 7.77
N THR A 154 3.59 3.23 7.33
CA THR A 154 3.23 3.12 5.92
C THR A 154 1.94 3.89 5.66
N PHE A 155 1.94 4.66 4.56
CA PHE A 155 0.77 5.40 4.12
C PHE A 155 0.34 4.83 2.78
N TRP A 156 -0.89 4.34 2.76
CA TRP A 156 -1.44 3.60 1.62
C TRP A 156 -2.65 4.37 1.14
N ILE A 157 -2.64 4.75 -0.14
CA ILE A 157 -3.77 5.50 -0.67
C ILE A 157 -4.35 4.90 -1.94
N PRO A 158 -5.68 4.86 -2.03
CA PRO A 158 -6.33 4.51 -3.29
C PRO A 158 -6.32 5.69 -4.25
N LEU A 159 -6.06 5.42 -5.53
CA LEU A 159 -6.06 6.44 -6.58
C LEU A 159 -7.42 6.47 -7.28
N ILE A 160 -8.05 5.30 -7.39
CA ILE A 160 -9.50 5.22 -7.67
C ILE A 160 -10.12 4.36 -6.57
N ARG A 161 -11.44 4.37 -6.47
CA ARG A 161 -12.10 3.67 -5.37
C ARG A 161 -11.83 2.16 -5.40
N THR A 162 -11.78 1.57 -4.22
CA THR A 162 -11.70 0.11 -4.10
C THR A 162 -13.07 -0.44 -3.70
N THR A 163 -13.28 -1.72 -3.99
CA THR A 163 -14.45 -2.46 -3.50
C THR A 163 -13.92 -3.68 -2.74
N ARG A 164 -14.82 -4.37 -2.05
CA ARG A 164 -14.42 -5.59 -1.36
C ARG A 164 -13.86 -6.62 -2.34
N GLU A 165 -14.36 -6.60 -3.58
CA GLU A 165 -13.94 -7.54 -4.60
C GLU A 165 -12.69 -7.07 -5.34
N SER A 166 -12.49 -5.76 -5.50
CA SER A 166 -11.31 -5.29 -6.22
C SER A 166 -10.05 -5.31 -5.35
N GLY A 167 -10.25 -5.32 -4.04
CA GLY A 167 -9.16 -5.57 -3.10
C GLY A 167 -8.48 -4.34 -2.53
N GLY A 168 -7.20 -4.47 -2.26
CA GLY A 168 -6.49 -3.48 -1.47
C GLY A 168 -5.58 -4.18 -0.50
N VAL A 169 -5.47 -3.64 0.72
CA VAL A 169 -4.61 -4.23 1.74
C VAL A 169 -5.43 -4.60 2.96
N ALA A 170 -5.23 -5.82 3.45
CA ALA A 170 -5.93 -6.30 4.65
C ALA A 170 -4.98 -6.18 5.83
N LEU A 171 -5.51 -5.67 6.94
CA LEU A 171 -4.72 -5.46 8.15
C LEU A 171 -5.14 -6.41 9.27
N ALA A 172 -4.16 -7.05 9.91
CA ALA A 172 -4.46 -7.87 11.09
C ALA A 172 -4.47 -6.96 12.31
N ASP A 173 -5.69 -6.64 12.77
CA ASP A 173 -5.89 -5.64 13.82
C ASP A 173 -5.08 -5.94 15.07
N GLY A 174 -4.24 -5.00 15.50
CA GLY A 174 -3.49 -5.15 16.74
C GLY A 174 -2.32 -6.11 16.69
N SER A 175 -1.89 -6.45 15.47
CA SER A 175 -0.81 -7.42 15.26
C SER A 175 0.61 -6.82 15.35
N HIS A 176 0.68 -5.55 15.74
CA HIS A 176 1.94 -4.81 15.76
C HIS A 176 2.58 -4.74 17.15
N ARG A 177 2.12 -5.56 18.08
CA ARG A 177 2.50 -5.43 19.48
C ARG A 177 3.41 -6.54 20.01
N ARG A 178 3.86 -7.43 19.12
CA ARG A 178 4.83 -8.44 19.53
C ARG A 178 6.13 -8.47 18.70
N GLY A 179 6.53 -7.31 18.19
CA GLY A 179 7.77 -7.19 17.45
C GLY A 179 7.69 -7.81 16.06
N LYS A 180 8.86 -8.02 15.49
CA LYS A 180 8.98 -8.64 14.17
C LYS A 180 8.70 -10.13 14.29
N ARG A 181 7.91 -10.64 13.34
CA ARG A 181 7.56 -12.04 13.26
C ARG A 181 8.35 -12.72 12.15
N ASP A 182 8.40 -14.04 12.20
CA ASP A 182 9.14 -14.83 11.22
C ASP A 182 8.53 -14.63 9.84
N HIS A 183 9.40 -14.34 8.87
CA HIS A 183 9.02 -14.31 7.45
C HIS A 183 9.80 -15.43 6.76
N VAL A 184 9.09 -16.29 6.04
N VAL A 184 9.08 -16.29 6.03
CA VAL A 184 9.71 -17.45 5.41
CA VAL A 184 9.64 -17.50 5.42
C VAL A 184 9.40 -17.48 3.91
C VAL A 184 9.39 -17.48 3.92
N LEU A 185 10.32 -18.01 3.13
CA LEU A 185 10.18 -18.10 1.69
C LEU A 185 8.79 -18.64 1.28
N ASN A 186 8.15 -17.95 0.34
CA ASN A 186 6.84 -18.36 -0.16
C ASN A 186 6.89 -18.35 -1.67
N GLU A 187 6.84 -19.52 -2.27
CA GLU A 187 6.98 -19.70 -3.72
C GLU A 187 5.86 -19.03 -4.54
N SER A 188 4.73 -18.72 -3.90
CA SER A 188 3.57 -18.17 -4.63
C SER A 188 3.59 -16.65 -4.76
N PHE A 189 4.55 -16.01 -4.09
CA PHE A 189 4.76 -14.57 -4.24
C PHE A 189 6.17 -14.34 -4.71
N ARG A 190 6.31 -13.61 -5.81
CA ARG A 190 7.60 -13.49 -6.50
C ARG A 190 7.87 -12.08 -6.96
N ARG A 191 9.14 -11.71 -6.94
CA ARG A 191 9.63 -10.48 -7.54
C ARG A 191 10.87 -10.83 -8.35
N PHE A 192 10.97 -10.27 -9.55
CA PHE A 192 12.10 -10.53 -10.44
C PHE A 192 12.36 -12.04 -10.61
N GLY A 193 11.26 -12.80 -10.70
CA GLY A 193 11.32 -14.24 -10.92
C GLY A 193 11.88 -15.08 -9.79
N HIS A 194 11.82 -14.57 -8.56
CA HIS A 194 12.24 -15.35 -7.40
C HIS A 194 11.25 -15.12 -6.27
N PRO A 195 11.05 -16.15 -5.42
CA PRO A 195 10.16 -15.97 -4.28
C PRO A 195 10.59 -14.85 -3.34
N VAL A 196 9.61 -14.28 -2.65
CA VAL A 196 9.90 -13.42 -1.52
C VAL A 196 9.52 -14.18 -0.24
N ARG A 197 9.40 -13.46 0.87
CA ARG A 197 9.12 -14.08 2.17
C ARG A 197 7.86 -13.49 2.77
N GLY A 198 7.11 -14.32 3.49
CA GLY A 198 5.92 -13.85 4.18
C GLY A 198 5.76 -14.57 5.50
N ILE A 199 4.89 -14.02 6.35
CA ILE A 199 4.62 -14.62 7.65
C ILE A 199 3.74 -15.86 7.46
N PRO A 200 4.19 -17.03 7.96
CA PRO A 200 3.42 -18.25 7.81
C PRO A 200 2.18 -18.26 8.70
N PRO A 201 1.15 -19.08 8.36
CA PRO A 201 -0.10 -19.16 9.12
C PRO A 201 0.10 -19.46 10.61
N THR A 202 1.23 -20.07 10.96
CA THR A 202 1.56 -20.42 12.34
C THR A 202 1.98 -19.23 13.20
N GLU A 203 2.16 -18.07 12.56
CA GLU A 203 2.53 -16.84 13.25
C GLU A 203 1.41 -15.82 13.14
N VAL A 204 0.29 -16.28 12.59
CA VAL A 204 -0.94 -15.52 12.46
C VAL A 204 -1.83 -15.87 13.65
N SER A 205 -2.43 -14.87 14.28
CA SER A 205 -3.36 -15.11 15.39
C SER A 205 -4.81 -14.84 14.98
N GLU A 206 -5.70 -15.75 15.38
CA GLU A 206 -7.13 -15.58 15.14
C GLU A 206 -7.67 -14.33 15.83
N ASP A 207 -6.97 -13.90 16.88
CA ASP A 207 -7.36 -12.72 17.66
C ASP A 207 -7.04 -11.40 16.95
N GLU A 208 -6.15 -11.45 15.97
CA GLU A 208 -5.74 -10.25 15.25
C GLU A 208 -6.62 -10.09 14.02
N HIS A 209 -7.85 -9.68 14.27
CA HIS A 209 -8.93 -9.75 13.28
C HIS A 209 -8.57 -9.04 11.98
N LEU A 210 -8.78 -9.72 10.86
CA LEU A 210 -8.40 -9.21 9.57
C LEU A 210 -9.42 -8.20 9.05
N LEU A 211 -8.94 -6.99 8.71
CA LEU A 211 -9.80 -5.88 8.32
C LEU A 211 -9.57 -5.43 6.90
N HIS A 212 -10.65 -5.15 6.19
CA HIS A 212 -10.59 -4.52 4.87
C HIS A 212 -11.93 -3.87 4.60
N SER A 213 -11.91 -2.62 4.13
CA SER A 213 -13.12 -1.87 3.78
C SER A 213 -12.89 -1.18 2.46
N PRO A 214 -13.95 -0.94 1.67
CA PRO A 214 -13.82 -0.07 0.51
C PRO A 214 -13.31 1.33 0.88
N MET A 215 -12.50 1.91 0.01
CA MET A 215 -11.95 3.24 0.22
C MET A 215 -12.18 4.08 -1.03
N GLU A 216 -12.20 5.40 -0.83
CA GLU A 216 -12.40 6.35 -1.93
C GLU A 216 -11.16 7.22 -2.09
N PRO A 217 -10.87 7.70 -3.31
CA PRO A 217 -9.77 8.65 -3.43
C PRO A 217 -9.98 9.84 -2.49
N GLY A 218 -8.92 10.23 -1.80
CA GLY A 218 -9.01 11.20 -0.71
C GLY A 218 -8.80 10.56 0.65
N ASP A 219 -9.05 9.25 0.73
CA ASP A 219 -8.83 8.48 1.95
C ASP A 219 -7.36 8.07 2.13
N ILE A 220 -6.96 7.85 3.37
CA ILE A 220 -5.63 7.32 3.74
C ILE A 220 -5.79 6.14 4.68
N LEU A 221 -4.96 5.11 4.49
CA LEU A 221 -4.82 4.06 5.49
C LEU A 221 -3.36 4.03 5.88
N LEU A 222 -3.06 4.14 7.17
CA LEU A 222 -1.68 4.19 7.63
C LEU A 222 -1.49 3.18 8.74
N PHE A 223 -0.28 2.63 8.84
CA PHE A 223 -0.04 1.58 9.83
C PHE A 223 1.41 1.44 10.27
N HIS A 224 1.53 0.92 11.48
CA HIS A 224 2.78 0.70 12.21
C HIS A 224 3.71 -0.26 11.47
N ALA A 225 5.01 -0.08 11.69
CA ALA A 225 6.05 -0.91 11.08
C ALA A 225 5.89 -2.40 11.36
N HIS A 226 5.23 -2.73 12.45
CA HIS A 226 5.01 -4.14 12.82
C HIS A 226 3.59 -4.61 12.57
N MET A 227 2.77 -3.78 11.95
CA MET A 227 1.46 -4.23 11.51
C MET A 227 1.62 -5.34 10.47
N CYS A 228 1.01 -6.50 10.72
CA CYS A 228 0.98 -7.59 9.75
C CYS A 228 -0.17 -7.35 8.78
N HIS A 229 0.16 -7.37 7.49
CA HIS A 229 -0.80 -7.01 6.45
C HIS A 229 -0.51 -7.79 5.18
N LYS A 230 -1.50 -7.89 4.31
CA LYS A 230 -1.34 -8.64 3.05
C LYS A 230 -2.22 -8.04 1.96
N SER A 231 -1.87 -8.32 0.71
CA SER A 231 -2.70 -7.90 -0.42
C SER A 231 -3.98 -8.71 -0.49
N ILE A 232 -5.03 -8.03 -0.93
CA ILE A 232 -6.27 -8.72 -1.32
C ILE A 232 -6.33 -8.67 -2.85
N PRO A 233 -6.48 -9.84 -3.50
CA PRO A 233 -6.48 -9.87 -4.96
C PRO A 233 -7.72 -9.26 -5.58
N ASN A 234 -7.57 -8.79 -6.81
CA ASN A 234 -8.66 -8.18 -7.57
C ASN A 234 -9.46 -9.22 -8.35
N LEU A 235 -10.65 -9.50 -7.82
CA LEU A 235 -11.60 -10.41 -8.44
C LEU A 235 -12.91 -9.67 -8.68
N SER A 236 -12.81 -8.38 -9.03
CA SER A 236 -14.00 -7.57 -9.23
C SER A 236 -14.74 -7.94 -10.51
N LYS A 237 -16.07 -7.89 -10.44
CA LYS A 237 -16.92 -8.29 -11.57
C LYS A 237 -17.99 -7.26 -11.90
N ASP A 238 -18.56 -6.64 -10.88
CA ASP A 238 -19.61 -5.64 -11.10
C ASP A 238 -19.62 -4.59 -9.99
N PRO A 239 -18.94 -3.46 -10.24
CA PRO A 239 -18.21 -3.24 -11.49
C PRO A 239 -16.82 -3.91 -11.49
N ARG A 240 -16.37 -4.26 -12.69
CA ARG A 240 -15.02 -4.73 -12.94
C ARG A 240 -14.08 -3.52 -12.99
N LEU A 241 -13.25 -3.42 -11.96
CA LEU A 241 -12.38 -2.25 -11.77
C LEU A 241 -10.93 -2.65 -11.69
N MET A 242 -10.04 -1.78 -12.14
CA MET A 242 -8.63 -1.87 -11.76
C MET A 242 -8.54 -1.51 -10.29
N ARG A 243 -7.52 -2.03 -9.61
CA ARG A 243 -7.17 -1.54 -8.28
C ARG A 243 -5.91 -0.70 -8.47
N MET A 244 -6.06 0.60 -8.27
CA MET A 244 -4.98 1.56 -8.48
C MET A 244 -4.67 2.22 -7.15
N SER A 245 -3.45 2.06 -6.66
CA SER A 245 -3.07 2.58 -5.35
C SER A 245 -1.59 2.89 -5.33
N MET A 246 -1.16 3.63 -4.33
CA MET A 246 0.26 3.78 -4.07
C MET A 246 0.53 3.84 -2.57
N ASP A 247 1.73 3.39 -2.19
CA ASP A 247 2.12 3.38 -0.80
C ASP A 247 3.53 3.91 -0.64
N THR A 248 3.71 4.76 0.36
CA THR A 248 5.03 5.21 0.78
C THR A 248 5.17 5.01 2.28
N ARG A 249 6.31 5.41 2.84
CA ARG A 249 6.48 5.44 4.29
C ARG A 249 6.85 6.86 4.68
N VAL A 250 6.47 7.21 5.91
CA VAL A 250 6.69 8.55 6.46
C VAL A 250 7.18 8.35 7.88
N GLN A 251 8.06 9.25 8.34
CA GLN A 251 8.60 9.13 9.68
C GLN A 251 8.88 10.51 10.25
N PRO A 252 9.08 10.61 11.57
CA PRO A 252 9.42 11.93 12.10
C PRO A 252 10.66 12.49 11.39
N ALA A 253 10.67 13.79 11.15
CA ALA A 253 11.81 14.42 10.46
C ALA A 253 13.12 14.25 11.25
N LYS A 254 13.02 14.09 12.57
CA LYS A 254 14.20 13.92 13.41
C LYS A 254 14.80 12.51 13.40
N SER A 255 14.04 11.52 12.90
CA SER A 255 14.48 10.12 12.96
C SER A 255 15.54 9.79 11.92
N HIS A 256 16.33 8.76 12.20
CA HIS A 256 17.35 8.29 11.26
C HIS A 256 16.73 7.92 9.93
N ARG A 257 17.36 8.37 8.84
CA ARG A 257 16.88 8.08 7.49
C ARG A 257 17.73 6.98 6.87
N GLY A 258 17.18 5.78 6.81
CA GLY A 258 17.90 4.61 6.34
C GLY A 258 17.87 4.43 4.82
N PHE A 259 18.34 3.28 4.39
CA PHE A 259 18.48 2.98 2.98
C PHE A 259 17.17 3.14 2.23
N ASN A 260 16.11 2.55 2.76
CA ASN A 260 14.81 2.58 2.13
C ASN A 260 14.27 4.02 2.03
N ALA A 261 14.48 4.79 3.09
CA ALA A 261 14.02 6.17 3.15
C ALA A 261 14.70 7.06 2.12
N MET A 262 15.98 6.77 1.84
CA MET A 262 16.81 7.65 1.01
C MET A 262 16.92 7.23 -0.45
N THR A 263 16.40 6.05 -0.79
CA THR A 263 16.67 5.45 -2.10
C THR A 263 15.38 5.23 -2.89
N PRO A 264 15.25 5.89 -4.06
CA PRO A 264 14.07 5.69 -4.89
C PRO A 264 13.87 4.23 -5.30
N TRP A 265 12.62 3.88 -5.57
CA TRP A 265 12.23 2.52 -5.93
C TRP A 265 13.06 1.97 -7.09
N THR A 266 13.27 2.79 -8.13
CA THR A 266 13.99 2.34 -9.32
C THR A 266 15.45 1.99 -9.02
N GLU A 267 16.00 2.54 -7.95
CA GLU A 267 17.39 2.29 -7.54
C GLU A 267 17.55 1.27 -6.42
N SER A 268 16.45 0.72 -5.91
CA SER A 268 16.53 -0.13 -4.71
C SER A 268 15.71 -1.42 -4.73
N ALA A 269 14.64 -1.46 -5.52
CA ALA A 269 13.69 -2.59 -5.44
C ALA A 269 14.35 -3.93 -5.77
N LYS A 270 15.10 -3.99 -6.86
CA LYS A 270 15.75 -5.23 -7.26
C LYS A 270 16.71 -5.75 -6.19
N ASP A 271 17.59 -4.88 -5.70
CA ASP A 271 18.55 -5.25 -4.67
C ASP A 271 17.87 -5.66 -3.36
N ALA A 272 16.86 -4.89 -2.95
CA ALA A 272 16.13 -5.17 -1.71
C ALA A 272 15.36 -6.49 -1.78
N SER A 273 14.81 -6.79 -2.96
CA SER A 273 14.05 -8.02 -3.18
C SER A 273 14.93 -9.27 -3.02
N LYS A 274 16.19 -9.15 -3.43
CA LYS A 274 17.16 -10.21 -3.20
C LYS A 274 17.64 -10.19 -1.76
N GLY A 275 17.94 -9.00 -1.25
CA GLY A 275 18.48 -8.81 0.09
C GLY A 275 17.67 -9.42 1.21
N ILE A 276 16.35 -9.34 1.11
CA ILE A 276 15.48 -9.87 2.18
C ILE A 276 15.65 -11.37 2.42
N MET A 277 16.12 -12.09 1.40
CA MET A 277 16.22 -13.55 1.52
C MET A 277 17.33 -13.98 2.49
N ALA A 278 18.29 -13.07 2.73
CA ALA A 278 19.41 -13.33 3.64
C ALA A 278 19.15 -12.87 5.08
N LYS A 279 17.97 -12.27 5.31
CA LYS A 279 17.62 -11.76 6.62
C LYS A 279 17.25 -12.86 7.61
#